data_1JQD
#
_entry.id   1JQD
#
_cell.length_a   131.75
_cell.length_b   131.75
_cell.length_c   64.03
_cell.angle_alpha   90.00
_cell.angle_beta   90.00
_cell.angle_gamma   120.00
#
_symmetry.space_group_name_H-M   'P 6'
#
loop_
_entity.id
_entity.type
_entity.pdbx_description
1 polymer 'Histamine N-Methyltransferase'
2 non-polymer S-ADENOSYL-L-HOMOCYSTEINE
3 non-polymer HISTAMINE
4 water water
#
_entity_poly.entity_id   1
_entity_poly.type   'polypeptide(L)'
_entity_poly.pdbx_seq_one_letter_code
;MASSMRSLFSDHGKYVESFRRFLNHSTEHQCMQEFMDKKLPGIIGRIGDTKSEIKILSIGGGAGEIDLQILSKVQAQYPG
VCINNEVVEPSAEQIAKYKELVAKTSNLENVKFAWHKETSSEYQSRMLEKKELQKWDFIHMIQMLYYVKDIPATLKFFHS
LLGTNAKMLIIVVSGSSGWDKLWKKYGSRFPQDDLCQYITSDDLTQMLDNLGLKYECYDLLSTMDISDCFIDGNENGDLL
WDFLTETCNFNATAPPDLRAELGKDLQEPEFSAKKEGKVLFNNTLSFIVIEA
;
_entity_poly.pdbx_strand_id   A,B
#
# COMPACT_ATOMS: atom_id res chain seq x y z
N MET A 5 30.31 4.41 -19.08
CA MET A 5 30.01 3.51 -17.95
C MET A 5 29.06 4.16 -16.95
N ARG A 6 27.75 4.08 -17.22
CA ARG A 6 26.76 4.65 -16.31
C ARG A 6 26.12 3.55 -15.48
N SER A 7 25.91 3.84 -14.20
CA SER A 7 25.31 2.88 -13.29
C SER A 7 23.89 2.60 -13.76
N LEU A 8 23.59 1.32 -13.91
CA LEU A 8 22.29 0.87 -14.37
C LEU A 8 21.11 1.56 -13.68
N PHE A 9 21.39 2.41 -12.69
CA PHE A 9 20.31 3.13 -12.00
C PHE A 9 20.39 4.63 -12.31
N HIS A 12 16.48 4.39 -15.03
CA HIS A 12 15.80 3.38 -14.21
C HIS A 12 14.81 2.55 -15.04
N GLY A 13 14.52 3.02 -16.25
CA GLY A 13 13.62 2.29 -17.14
C GLY A 13 14.41 1.13 -17.75
N LYS A 14 15.72 1.31 -17.88
CA LYS A 14 16.60 0.29 -18.42
C LYS A 14 16.77 -0.80 -17.37
N TYR A 15 16.74 -0.41 -16.10
CA TYR A 15 16.90 -1.36 -15.01
C TYR A 15 15.77 -2.38 -15.03
N VAL A 16 14.53 -1.89 -15.03
CA VAL A 16 13.37 -2.77 -15.04
C VAL A 16 13.42 -3.69 -16.25
N GLU A 17 13.81 -3.13 -17.39
CA GLU A 17 13.88 -3.93 -18.61
C GLU A 17 14.94 -5.03 -18.49
N SER A 18 16.07 -4.70 -17.88
CA SER A 18 17.14 -5.66 -17.70
C SER A 18 16.75 -6.66 -16.61
N PHE A 19 16.16 -6.16 -15.53
CA PHE A 19 15.73 -7.02 -14.44
C PHE A 19 14.76 -8.05 -14.99
N ARG A 20 13.74 -7.56 -15.72
CA ARG A 20 12.75 -8.44 -16.31
C ARG A 20 13.46 -9.52 -17.13
N ARG A 21 14.44 -9.09 -17.93
CA ARG A 21 15.20 -10.02 -18.74
C ARG A 21 15.85 -11.06 -17.85
N PHE A 22 16.36 -10.60 -16.71
CA PHE A 22 17.01 -11.47 -15.73
C PHE A 22 16.04 -12.52 -15.19
N LEU A 23 14.85 -12.08 -14.80
CA LEU A 23 13.84 -12.98 -14.27
C LEU A 23 13.41 -14.05 -15.28
N ASN A 24 13.06 -13.65 -16.50
CA ASN A 24 12.63 -14.63 -17.49
C ASN A 24 13.75 -15.49 -18.08
N HIS A 25 14.98 -15.29 -17.61
CA HIS A 25 16.08 -16.11 -18.10
C HIS A 25 16.84 -16.78 -16.96
N SER A 26 16.20 -16.91 -15.81
CA SER A 26 16.82 -17.55 -14.65
C SER A 26 15.80 -18.40 -13.87
N THR A 27 16.30 -19.19 -12.94
CA THR A 27 15.43 -20.04 -12.13
C THR A 27 15.25 -19.45 -10.72
N GLU A 28 15.46 -18.14 -10.60
CA GLU A 28 15.33 -17.44 -9.32
C GLU A 28 13.94 -17.59 -8.72
N HIS A 29 12.92 -17.35 -9.54
CA HIS A 29 11.53 -17.45 -9.10
C HIS A 29 11.25 -18.85 -8.61
N GLN A 30 11.59 -19.84 -9.43
CA GLN A 30 11.39 -21.23 -9.10
C GLN A 30 12.20 -21.67 -7.88
N CYS A 31 13.43 -21.16 -7.75
CA CYS A 31 14.29 -21.50 -6.63
C CYS A 31 13.62 -21.11 -5.32
N MET A 32 13.20 -19.86 -5.23
CA MET A 32 12.53 -19.34 -4.05
C MET A 32 11.30 -20.17 -3.72
N GLN A 33 10.45 -20.37 -4.71
CA GLN A 33 9.24 -21.15 -4.55
C GLN A 33 9.55 -22.53 -3.99
N GLU A 34 10.66 -23.10 -4.44
CA GLU A 34 11.08 -24.44 -4.00
C GLU A 34 11.51 -24.43 -2.53
N PHE A 35 12.18 -23.36 -2.12
CA PHE A 35 12.60 -23.25 -0.74
C PHE A 35 11.35 -23.11 0.15
N MET A 36 10.39 -22.32 -0.31
CA MET A 36 9.16 -22.10 0.43
C MET A 36 8.42 -23.42 0.68
N ASP A 37 8.32 -24.24 -0.36
CA ASP A 37 7.61 -25.51 -0.23
C ASP A 37 8.32 -26.52 0.64
N LYS A 38 9.60 -26.74 0.37
CA LYS A 38 10.40 -27.72 1.11
C LYS A 38 10.97 -27.30 2.46
N LYS A 39 11.44 -26.06 2.53
CA LYS A 39 12.08 -25.58 3.76
C LYS A 39 11.28 -24.68 4.70
N LEU A 40 10.61 -23.68 4.15
CA LEU A 40 9.87 -22.73 4.98
C LEU A 40 8.99 -23.38 6.06
N PRO A 41 8.22 -24.42 5.72
CA PRO A 41 7.37 -25.03 6.75
C PRO A 41 8.16 -25.39 8.00
N GLY A 42 9.29 -26.07 7.83
CA GLY A 42 10.10 -26.45 8.97
C GLY A 42 10.58 -25.22 9.73
N ILE A 43 10.92 -24.18 8.99
CA ILE A 43 11.43 -22.97 9.63
C ILE A 43 10.40 -22.25 10.48
N ILE A 44 9.19 -22.04 9.95
CA ILE A 44 8.17 -21.33 10.69
C ILE A 44 7.29 -22.23 11.55
N GLY A 45 7.72 -23.48 11.73
CA GLY A 45 6.99 -24.47 12.49
C GLY A 45 6.50 -24.14 13.89
N ARG A 46 7.26 -23.33 14.63
CA ARG A 46 6.86 -22.98 15.99
C ARG A 46 6.83 -21.49 16.29
N ILE A 47 6.79 -20.64 15.28
CA ILE A 47 6.78 -19.20 15.54
C ILE A 47 5.46 -18.71 16.12
N GLY A 48 4.41 -19.49 15.92
CA GLY A 48 3.10 -19.09 16.42
C GLY A 48 2.68 -19.78 17.72
N ASP A 49 3.57 -20.59 18.30
CA ASP A 49 3.26 -21.29 19.56
C ASP A 49 2.99 -20.37 20.74
N THR A 50 1.87 -20.64 21.41
CA THR A 50 1.37 -19.89 22.57
C THR A 50 0.84 -18.51 22.19
N LYS A 51 0.76 -18.22 20.89
CA LYS A 51 0.30 -16.90 20.44
C LYS A 51 -1.08 -16.87 19.80
N SER A 52 -1.84 -15.81 20.07
CA SER A 52 -3.19 -15.68 19.51
C SER A 52 -3.14 -14.72 18.32
N GLU A 53 -1.94 -14.30 17.98
CA GLU A 53 -1.71 -13.42 16.84
C GLU A 53 -0.26 -13.57 16.42
N ILE A 54 -0.04 -13.77 15.13
CA ILE A 54 1.29 -13.93 14.60
C ILE A 54 1.68 -12.66 13.84
N LYS A 55 2.80 -12.06 14.25
CA LYS A 55 3.29 -10.83 13.65
C LYS A 55 4.44 -11.10 12.69
N ILE A 56 4.23 -10.79 11.42
CA ILE A 56 5.25 -10.98 10.37
C ILE A 56 5.72 -9.62 9.83
N LEU A 57 7.03 -9.42 9.85
CA LEU A 57 7.60 -8.16 9.37
C LEU A 57 8.35 -8.40 8.07
N SER A 58 7.85 -7.79 7.00
CA SER A 58 8.46 -7.92 5.68
C SER A 58 9.31 -6.70 5.34
N ILE A 59 10.62 -6.90 5.25
CA ILE A 59 11.52 -5.79 4.91
C ILE A 59 11.81 -5.86 3.40
N GLY A 60 11.42 -4.82 2.67
CA GLY A 60 11.63 -4.81 1.23
C GLY A 60 10.74 -5.82 0.54
N GLY A 61 9.50 -5.96 1.03
CA GLY A 61 8.54 -6.90 0.48
C GLY A 61 8.26 -6.79 -1.01
N GLY A 62 8.60 -5.64 -1.59
CA GLY A 62 8.39 -5.47 -3.01
C GLY A 62 6.97 -5.62 -3.52
N ALA A 63 6.81 -6.42 -4.57
CA ALA A 63 5.50 -6.64 -5.19
C ALA A 63 4.60 -7.65 -4.47
N GLY A 64 5.13 -8.27 -3.41
CA GLY A 64 4.37 -9.21 -2.61
C GLY A 64 4.18 -10.66 -3.02
N GLU A 65 4.85 -11.11 -4.09
CA GLU A 65 4.65 -12.50 -4.49
C GLU A 65 5.18 -13.47 -3.45
N ILE A 66 6.41 -13.25 -3.01
CA ILE A 66 7.05 -14.12 -2.01
C ILE A 66 6.38 -13.98 -0.65
N ASP A 67 5.93 -12.78 -0.31
CA ASP A 67 5.28 -12.56 0.97
C ASP A 67 4.03 -13.44 1.09
N LEU A 68 3.21 -13.46 0.05
CA LEU A 68 1.98 -14.25 0.10
C LEU A 68 2.29 -15.75 0.19
N GLN A 69 3.36 -16.21 -0.44
CA GLN A 69 3.74 -17.61 -0.37
C GLN A 69 4.12 -17.93 1.08
N ILE A 70 4.85 -17.02 1.70
CA ILE A 70 5.26 -17.18 3.09
C ILE A 70 4.01 -17.22 3.98
N LEU A 71 3.09 -16.28 3.72
CA LEU A 71 1.85 -16.22 4.48
C LEU A 71 1.03 -17.51 4.39
N SER A 72 1.02 -18.13 3.22
CA SER A 72 0.25 -19.36 3.04
C SER A 72 0.79 -20.48 3.92
N LYS A 73 2.11 -20.53 4.09
CA LYS A 73 2.70 -21.56 4.93
C LYS A 73 2.38 -21.32 6.39
N VAL A 74 2.37 -20.06 6.81
CA VAL A 74 2.09 -19.77 8.21
C VAL A 74 0.65 -20.13 8.52
N GLN A 75 -0.26 -19.79 7.61
CA GLN A 75 -1.68 -20.08 7.79
C GLN A 75 -1.91 -21.59 7.87
N ALA A 76 -1.22 -22.34 7.01
CA ALA A 76 -1.35 -23.79 7.00
C ALA A 76 -0.88 -24.38 8.34
N GLN A 77 0.15 -23.79 8.92
CA GLN A 77 0.69 -24.26 10.19
C GLN A 77 -0.13 -23.78 11.40
N TYR A 78 -0.84 -22.66 11.25
CA TYR A 78 -1.64 -22.12 12.35
C TYR A 78 -3.03 -21.67 11.91
N PRO A 79 -3.88 -22.61 11.46
CA PRO A 79 -5.22 -22.22 11.02
C PRO A 79 -6.03 -21.51 12.10
N GLY A 80 -6.82 -20.53 11.68
CA GLY A 80 -7.65 -19.80 12.62
C GLY A 80 -6.96 -18.68 13.38
N VAL A 81 -5.63 -18.62 13.30
CA VAL A 81 -4.88 -17.59 14.01
C VAL A 81 -4.69 -16.32 13.20
N CYS A 82 -5.05 -15.18 13.80
CA CYS A 82 -4.89 -13.90 13.13
C CYS A 82 -3.42 -13.63 12.84
N ILE A 83 -3.14 -13.05 11.69
CA ILE A 83 -1.78 -12.73 11.30
C ILE A 83 -1.71 -11.25 10.91
N ASN A 84 -0.70 -10.56 11.44
CA ASN A 84 -0.46 -9.16 11.13
C ASN A 84 0.83 -9.15 10.28
N ASN A 85 0.70 -8.76 9.03
CA ASN A 85 1.81 -8.76 8.10
C ASN A 85 2.14 -7.31 7.72
N GLU A 86 3.11 -6.72 8.39
CA GLU A 86 3.50 -5.34 8.09
C GLU A 86 4.68 -5.30 7.12
N VAL A 87 4.58 -4.42 6.13
CA VAL A 87 5.58 -4.30 5.08
C VAL A 87 6.31 -2.96 5.03
N VAL A 88 7.64 -3.02 5.03
CA VAL A 88 8.50 -1.84 4.95
C VAL A 88 9.05 -1.85 3.53
N GLU A 89 8.58 -0.91 2.72
CA GLU A 89 8.98 -0.81 1.33
C GLU A 89 8.98 0.69 0.94
N PRO A 90 10.12 1.19 0.45
CA PRO A 90 10.26 2.60 0.06
C PRO A 90 9.66 2.97 -1.30
N SER A 91 9.51 1.99 -2.18
CA SER A 91 8.94 2.25 -3.51
C SER A 91 7.41 2.23 -3.55
N ALA A 92 6.82 3.38 -3.87
CA ALA A 92 5.38 3.51 -3.97
C ALA A 92 4.88 2.58 -5.06
N GLU A 93 5.67 2.45 -6.12
CA GLU A 93 5.31 1.59 -7.25
C GLU A 93 5.18 0.13 -6.83
N GLN A 94 6.11 -0.33 -5.97
CA GLN A 94 6.07 -1.70 -5.48
C GLN A 94 4.84 -1.90 -4.60
N ILE A 95 4.61 -0.96 -3.70
CA ILE A 95 3.48 -1.03 -2.79
C ILE A 95 2.16 -1.18 -3.57
N ALA A 96 2.00 -0.40 -4.64
CA ALA A 96 0.80 -0.47 -5.47
C ALA A 96 0.57 -1.88 -6.01
N LYS A 97 1.64 -2.51 -6.47
CA LYS A 97 1.57 -3.87 -7.00
C LYS A 97 1.23 -4.88 -5.91
N TYR A 98 1.80 -4.64 -4.73
CA TYR A 98 1.58 -5.50 -3.58
C TYR A 98 0.10 -5.45 -3.21
N LYS A 99 -0.47 -4.24 -3.13
CA LYS A 99 -1.87 -4.07 -2.80
C LYS A 99 -2.76 -4.69 -3.87
N GLU A 100 -2.38 -4.50 -5.13
CA GLU A 100 -3.17 -5.05 -6.22
C GLU A 100 -3.23 -6.56 -6.06
N LEU A 101 -2.09 -7.18 -5.77
CA LEU A 101 -2.04 -8.62 -5.61
C LEU A 101 -2.92 -9.09 -4.45
N VAL A 102 -2.86 -8.38 -3.32
CA VAL A 102 -3.66 -8.77 -2.16
C VAL A 102 -5.15 -8.73 -2.45
N ALA A 103 -5.60 -7.66 -3.11
CA ALA A 103 -7.00 -7.49 -3.45
C ALA A 103 -7.49 -8.58 -4.41
N LYS A 104 -6.54 -9.27 -5.01
CA LYS A 104 -6.78 -10.32 -5.99
C LYS A 104 -6.79 -11.70 -5.36
N THR A 105 -5.99 -11.86 -4.31
CA THR A 105 -5.89 -13.16 -3.63
C THR A 105 -7.15 -13.37 -2.80
N SER A 106 -7.61 -14.61 -2.72
CA SER A 106 -8.83 -14.89 -1.98
C SER A 106 -8.72 -15.24 -0.49
N ASN A 107 -8.22 -16.42 -0.17
CA ASN A 107 -8.10 -16.86 1.22
C ASN A 107 -7.19 -16.04 2.15
N LEU A 108 -7.44 -14.74 2.25
CA LEU A 108 -6.62 -13.89 3.12
C LEU A 108 -7.46 -13.19 4.18
N GLU A 109 -8.55 -13.83 4.58
CA GLU A 109 -9.43 -13.27 5.59
C GLU A 109 -8.78 -13.03 6.95
N ASN A 110 -8.04 -14.03 7.45
CA ASN A 110 -7.39 -13.92 8.75
C ASN A 110 -6.06 -13.17 8.70
N VAL A 111 -5.79 -12.45 7.62
CA VAL A 111 -4.54 -11.73 7.51
C VAL A 111 -4.78 -10.25 7.27
N LYS A 112 -4.15 -9.41 8.09
CA LYS A 112 -4.28 -7.98 7.91
C LYS A 112 -2.92 -7.45 7.48
N PHE A 113 -2.95 -6.53 6.51
CA PHE A 113 -1.75 -5.93 5.98
C PHE A 113 -1.66 -4.45 6.29
N ALA A 114 -0.43 -3.95 6.34
CA ALA A 114 -0.14 -2.55 6.59
C ALA A 114 1.16 -2.29 5.83
N TRP A 115 1.18 -1.21 5.05
CA TRP A 115 2.34 -0.86 4.26
C TRP A 115 2.92 0.46 4.73
N HIS A 116 4.23 0.45 4.99
CA HIS A 116 4.96 1.63 5.43
C HIS A 116 5.96 1.99 4.33
N LYS A 117 5.74 3.13 3.69
CA LYS A 117 6.60 3.57 2.61
C LYS A 117 7.85 4.22 3.15
N GLU A 118 8.88 3.41 3.31
CA GLU A 118 10.16 3.87 3.84
C GLU A 118 11.17 2.74 3.75
N THR A 119 12.43 3.09 4.02
CA THR A 119 13.52 2.12 3.99
C THR A 119 13.61 1.48 5.38
N SER A 120 14.37 0.39 5.50
CA SER A 120 14.52 -0.26 6.80
C SER A 120 15.21 0.67 7.79
N SER A 121 16.05 1.55 7.28
CA SER A 121 16.77 2.50 8.11
C SER A 121 15.81 3.55 8.68
N GLU A 122 14.95 4.10 7.84
CA GLU A 122 13.98 5.09 8.29
C GLU A 122 13.02 4.40 9.26
N TYR A 123 12.64 3.17 8.93
CA TYR A 123 11.74 2.40 9.79
C TYR A 123 12.38 2.22 11.16
N GLN A 124 13.66 1.88 11.15
CA GLN A 124 14.41 1.66 12.37
C GLN A 124 14.45 2.89 13.29
N SER A 125 14.81 4.05 12.74
CA SER A 125 14.86 5.24 13.56
C SER A 125 13.46 5.65 14.04
N ARG A 126 12.46 5.44 13.20
CA ARG A 126 11.09 5.77 13.56
C ARG A 126 10.68 4.90 14.75
N MET A 127 11.03 3.61 14.69
CA MET A 127 10.69 2.69 15.76
C MET A 127 11.47 2.98 17.02
N LEU A 128 12.64 3.61 16.87
CA LEU A 128 13.46 3.93 18.03
C LEU A 128 13.01 5.21 18.71
N GLU A 129 12.12 5.95 18.07
CA GLU A 129 11.60 7.19 18.64
C GLU A 129 10.44 6.82 19.58
N LYS A 130 9.89 5.63 19.34
CA LYS A 130 8.83 5.09 20.18
C LYS A 130 9.54 4.76 21.49
N LYS A 131 8.81 4.50 22.57
CA LYS A 131 9.45 4.24 23.87
C LYS A 131 9.93 2.79 24.06
N GLU A 132 9.18 1.85 23.50
CA GLU A 132 9.54 0.44 23.62
C GLU A 132 9.45 -0.22 22.25
N LEU A 133 10.38 -1.12 21.97
CA LEU A 133 10.39 -1.80 20.69
C LEU A 133 9.39 -2.94 20.66
N GLN A 134 8.70 -3.08 19.54
CA GLN A 134 7.73 -4.16 19.37
C GLN A 134 8.50 -5.44 19.16
N LYS A 135 7.79 -6.56 19.25
CA LYS A 135 8.40 -7.86 19.02
C LYS A 135 7.69 -8.49 17.83
N TRP A 136 8.44 -9.26 17.05
CA TRP A 136 7.89 -9.90 15.87
C TRP A 136 8.20 -11.39 15.92
N ASP A 137 7.31 -12.18 15.32
CA ASP A 137 7.43 -13.63 15.29
C ASP A 137 8.24 -14.11 14.08
N PHE A 138 8.17 -13.36 12.99
CA PHE A 138 8.93 -13.71 11.80
C PHE A 138 9.31 -12.44 11.07
N ILE A 139 10.60 -12.31 10.71
CA ILE A 139 11.07 -11.15 9.97
C ILE A 139 11.88 -11.68 8.79
N HIS A 140 11.68 -11.09 7.61
CA HIS A 140 12.44 -11.53 6.47
C HIS A 140 12.91 -10.36 5.62
N MET A 141 14.11 -10.52 5.08
CA MET A 141 14.74 -9.51 4.25
C MET A 141 15.20 -10.29 3.02
N ILE A 142 14.36 -10.29 1.99
CA ILE A 142 14.64 -11.06 0.78
C ILE A 142 15.19 -10.24 -0.39
N GLN A 143 16.43 -10.53 -0.74
CA GLN A 143 17.10 -9.87 -1.85
C GLN A 143 17.06 -8.37 -1.71
N MET A 144 17.32 -7.86 -0.50
CA MET A 144 17.30 -6.42 -0.33
C MET A 144 18.43 -5.84 0.52
N LEU A 145 19.26 -6.67 1.11
CA LEU A 145 20.36 -6.14 1.92
C LEU A 145 21.38 -5.35 1.12
N TYR A 146 21.35 -5.49 -0.20
CA TYR A 146 22.30 -4.76 -1.04
C TYR A 146 22.05 -3.26 -0.91
N TYR A 147 20.81 -2.89 -0.58
CA TYR A 147 20.44 -1.48 -0.50
C TYR A 147 20.50 -0.89 0.91
N VAL A 148 21.06 -1.62 1.85
CA VAL A 148 21.18 -1.14 3.22
C VAL A 148 22.59 -0.62 3.43
N LYS A 149 22.71 0.61 3.93
CA LYS A 149 24.01 1.22 4.17
C LYS A 149 24.81 0.57 5.30
N ASP A 150 24.19 0.42 6.47
CA ASP A 150 24.86 -0.15 7.65
C ASP A 150 24.27 -1.53 7.97
N ILE A 151 24.86 -2.56 7.38
CA ILE A 151 24.37 -3.92 7.58
C ILE A 151 24.50 -4.46 8.99
N PRO A 152 25.67 -4.30 9.64
CA PRO A 152 25.72 -4.85 11.00
C PRO A 152 24.69 -4.23 11.94
N ALA A 153 24.46 -2.92 11.82
CA ALA A 153 23.49 -2.25 12.68
C ALA A 153 22.10 -2.76 12.31
N THR A 154 21.85 -2.94 11.02
CA THR A 154 20.56 -3.43 10.57
C THR A 154 20.31 -4.83 11.12
N LEU A 155 21.29 -5.71 11.03
CA LEU A 155 21.15 -7.07 11.53
C LEU A 155 20.89 -7.10 13.03
N LYS A 156 21.68 -6.33 13.77
CA LYS A 156 21.54 -6.28 15.21
C LYS A 156 20.17 -5.75 15.60
N PHE A 157 19.74 -4.69 14.94
CA PHE A 157 18.44 -4.09 15.26
C PHE A 157 17.30 -5.05 14.99
N PHE A 158 17.19 -5.57 13.78
CA PHE A 158 16.09 -6.47 13.51
C PHE A 158 16.14 -7.73 14.37
N HIS A 159 17.34 -8.20 14.70
CA HIS A 159 17.43 -9.37 15.55
C HIS A 159 16.85 -9.05 16.94
N SER A 160 16.97 -7.80 17.36
CA SER A 160 16.46 -7.40 18.66
C SER A 160 14.93 -7.26 18.69
N LEU A 161 14.31 -7.33 17.52
CA LEU A 161 12.85 -7.23 17.41
C LEU A 161 12.19 -8.61 17.42
N LEU A 162 13.00 -9.66 17.43
CA LEU A 162 12.49 -11.02 17.43
C LEU A 162 11.93 -11.42 18.79
N GLY A 163 10.72 -11.97 18.80
CA GLY A 163 10.12 -12.40 20.05
C GLY A 163 10.54 -13.82 20.36
N THR A 164 9.90 -14.44 21.34
CA THR A 164 10.20 -15.81 21.76
C THR A 164 9.97 -16.82 20.63
N ASN A 165 10.98 -17.62 20.34
CA ASN A 165 10.94 -18.62 19.28
C ASN A 165 10.75 -18.00 17.91
N ALA A 166 11.00 -16.71 17.77
CA ALA A 166 10.88 -16.03 16.49
C ALA A 166 12.09 -16.35 15.60
N LYS A 167 11.94 -16.13 14.30
CA LYS A 167 13.03 -16.38 13.36
C LYS A 167 13.16 -15.26 12.34
N MET A 168 14.39 -15.03 11.89
CA MET A 168 14.65 -14.01 10.88
C MET A 168 15.22 -14.70 9.63
N LEU A 169 14.60 -14.45 8.49
CA LEU A 169 15.03 -15.04 7.23
C LEU A 169 15.67 -13.99 6.33
N ILE A 170 16.89 -14.26 5.88
CA ILE A 170 17.59 -13.35 4.97
C ILE A 170 18.03 -14.13 3.73
N ILE A 171 17.83 -13.53 2.57
CA ILE A 171 18.24 -14.16 1.33
C ILE A 171 19.05 -13.20 0.47
N VAL A 172 20.27 -13.60 0.12
CA VAL A 172 21.16 -12.83 -0.75
C VAL A 172 21.84 -13.88 -1.63
N VAL A 173 22.55 -13.45 -2.68
CA VAL A 173 23.24 -14.43 -3.53
C VAL A 173 24.32 -15.11 -2.69
N SER A 174 24.73 -16.31 -3.09
CA SER A 174 25.72 -17.07 -2.34
C SER A 174 27.16 -16.65 -2.57
N GLY A 175 28.00 -16.95 -1.58
CA GLY A 175 29.41 -16.65 -1.70
C GLY A 175 30.02 -17.58 -2.72
N SER A 176 29.31 -18.64 -3.06
CA SER A 176 29.82 -19.58 -4.04
C SER A 176 29.09 -19.46 -5.37
N SER A 177 28.46 -18.31 -5.59
CA SER A 177 27.75 -18.03 -6.84
C SER A 177 28.69 -17.24 -7.74
N GLY A 178 28.31 -17.09 -8.99
CA GLY A 178 29.13 -16.34 -9.92
C GLY A 178 29.23 -14.89 -9.50
N TRP A 179 28.16 -14.35 -8.95
CA TRP A 179 28.16 -12.96 -8.52
C TRP A 179 29.34 -12.67 -7.60
N ASP A 180 29.56 -13.55 -6.63
CA ASP A 180 30.64 -13.36 -5.68
C ASP A 180 31.97 -13.15 -6.39
N LYS A 181 32.22 -13.95 -7.41
CA LYS A 181 33.46 -13.85 -8.17
C LYS A 181 33.44 -12.60 -9.03
N LEU A 182 32.33 -12.38 -9.73
CA LEU A 182 32.20 -11.22 -10.59
C LEU A 182 32.47 -9.92 -9.83
N TRP A 183 31.88 -9.79 -8.65
CA TRP A 183 32.07 -8.58 -7.85
C TRP A 183 33.47 -8.41 -7.27
N LYS A 184 34.06 -9.49 -6.76
CA LYS A 184 35.39 -9.40 -6.18
C LYS A 184 36.45 -9.00 -7.22
N LYS A 185 36.25 -9.42 -8.46
CA LYS A 185 37.20 -9.16 -9.53
C LYS A 185 36.94 -7.95 -10.42
N TYR A 186 35.68 -7.66 -10.71
CA TYR A 186 35.35 -6.52 -11.57
C TYR A 186 34.55 -5.43 -10.86
N GLY A 187 34.31 -5.62 -9.57
CA GLY A 187 33.55 -4.64 -8.81
C GLY A 187 34.04 -3.21 -8.95
N SER A 188 35.35 -3.01 -8.81
CA SER A 188 35.95 -1.68 -8.89
C SER A 188 35.93 -1.10 -10.29
N ARG A 189 35.68 -1.93 -11.29
CA ARG A 189 35.64 -1.45 -12.66
C ARG A 189 34.21 -1.17 -13.13
N PHE A 190 33.24 -1.45 -12.27
CA PHE A 190 31.84 -1.20 -12.57
C PHE A 190 31.44 0.12 -11.93
N PRO A 191 30.49 0.85 -12.54
CA PRO A 191 30.05 2.13 -11.98
C PRO A 191 29.49 1.95 -10.57
N GLN A 192 29.71 2.94 -9.70
CA GLN A 192 29.22 2.86 -8.33
C GLN A 192 28.01 3.76 -8.10
N ASP A 193 27.09 3.28 -7.27
CA ASP A 193 25.89 4.03 -6.92
C ASP A 193 25.76 3.90 -5.41
N ASP A 194 25.59 5.03 -4.73
CA ASP A 194 25.49 5.01 -3.27
C ASP A 194 24.25 4.25 -2.79
N LEU A 195 23.46 3.75 -3.73
CA LEU A 195 22.24 3.02 -3.40
C LEU A 195 22.45 1.51 -3.32
N CYS A 196 23.58 1.02 -3.82
CA CYS A 196 23.82 -0.41 -3.81
C CYS A 196 25.24 -0.84 -3.48
N GLN A 197 25.36 -1.92 -2.71
CA GLN A 197 26.67 -2.45 -2.38
C GLN A 197 26.67 -3.95 -2.58
N TYR A 198 27.79 -4.47 -3.04
CA TYR A 198 27.94 -5.90 -3.30
C TYR A 198 28.09 -6.68 -2.00
N ILE A 199 27.19 -7.62 -1.77
CA ILE A 199 27.27 -8.46 -0.58
C ILE A 199 26.80 -9.84 -0.99
N THR A 200 27.36 -10.85 -0.33
CA THR A 200 27.00 -12.24 -0.59
C THR A 200 26.88 -12.91 0.77
N SER A 201 26.44 -14.15 0.81
CA SER A 201 26.29 -14.84 2.09
C SER A 201 27.62 -14.93 2.86
N ASP A 202 28.74 -14.84 2.15
CA ASP A 202 30.02 -14.91 2.81
C ASP A 202 30.22 -13.70 3.70
N ASP A 203 29.98 -12.52 3.13
CA ASP A 203 30.10 -11.29 3.90
C ASP A 203 29.12 -11.31 5.05
N LEU A 204 27.92 -11.80 4.77
CA LEU A 204 26.85 -11.85 5.74
C LEU A 204 27.15 -12.76 6.92
N THR A 205 27.54 -14.00 6.64
CA THR A 205 27.84 -14.92 7.74
C THR A 205 29.03 -14.39 8.54
N GLN A 206 29.95 -13.70 7.88
CA GLN A 206 31.09 -13.16 8.60
C GLN A 206 30.58 -12.10 9.59
N MET A 207 29.67 -11.25 9.13
CA MET A 207 29.11 -10.23 9.99
C MET A 207 28.29 -10.85 11.12
N LEU A 208 27.53 -11.90 10.81
CA LEU A 208 26.73 -12.56 11.84
C LEU A 208 27.63 -13.24 12.87
N ASP A 209 28.72 -13.84 12.40
CA ASP A 209 29.68 -14.49 13.29
C ASP A 209 30.27 -13.45 14.25
N ASN A 210 30.72 -12.33 13.70
CA ASN A 210 31.27 -11.28 14.56
C ASN A 210 30.23 -10.72 15.50
N LEU A 211 28.97 -10.65 15.05
CA LEU A 211 27.90 -10.12 15.90
C LEU A 211 27.55 -11.13 16.99
N GLY A 212 27.96 -12.38 16.81
CA GLY A 212 27.67 -13.40 17.80
C GLY A 212 26.25 -13.94 17.75
N LEU A 213 25.62 -13.88 16.59
CA LEU A 213 24.27 -14.39 16.46
C LEU A 213 24.25 -15.80 15.86
N LYS A 214 23.33 -16.62 16.34
CA LYS A 214 23.19 -18.00 15.86
C LYS A 214 22.33 -18.08 14.61
N TYR A 215 22.80 -18.83 13.61
CA TYR A 215 22.08 -18.96 12.36
C TYR A 215 22.47 -20.26 11.65
N GLU A 216 21.73 -20.55 10.58
CA GLU A 216 22.01 -21.70 9.75
C GLU A 216 21.96 -21.11 8.36
N CYS A 217 22.76 -21.65 7.45
CA CYS A 217 22.78 -21.12 6.10
C CYS A 217 22.61 -22.24 5.10
N TYR A 218 21.66 -22.10 4.19
CA TYR A 218 21.45 -23.14 3.17
C TYR A 218 21.59 -22.52 1.79
N ASP A 219 22.28 -23.22 0.89
CA ASP A 219 22.45 -22.74 -0.47
C ASP A 219 21.52 -23.53 -1.40
N LEU A 220 21.00 -22.85 -2.42
CA LEU A 220 20.12 -23.49 -3.37
C LEU A 220 20.56 -23.03 -4.74
N LEU A 221 20.97 -23.99 -5.58
CA LEU A 221 21.42 -23.67 -6.92
C LEU A 221 20.32 -23.00 -7.72
N SER A 222 20.72 -21.97 -8.45
CA SER A 222 19.82 -21.22 -9.32
C SER A 222 20.73 -20.79 -10.46
N THR A 223 20.17 -20.59 -11.65
CA THR A 223 21.01 -20.18 -12.75
C THR A 223 20.39 -19.07 -13.56
N MET A 224 21.23 -18.46 -14.39
CA MET A 224 20.82 -17.39 -15.28
C MET A 224 21.43 -17.74 -16.64
N ASP A 225 20.56 -17.93 -17.63
CA ASP A 225 20.98 -18.27 -18.97
C ASP A 225 21.55 -17.03 -19.66
N ILE A 226 22.87 -16.99 -19.80
CA ILE A 226 23.54 -15.85 -20.42
C ILE A 226 24.16 -16.21 -21.77
N SER A 227 23.60 -17.24 -22.42
CA SER A 227 24.09 -17.69 -23.72
C SER A 227 24.00 -16.55 -24.74
N ASP A 228 22.90 -15.80 -24.70
CA ASP A 228 22.68 -14.69 -25.62
C ASP A 228 23.72 -13.58 -25.45
N CYS A 229 24.50 -13.65 -24.36
CA CYS A 229 25.52 -12.66 -24.11
C CYS A 229 26.74 -12.86 -24.99
N PHE A 230 26.80 -14.00 -25.67
CA PHE A 230 27.93 -14.30 -26.55
C PHE A 230 27.59 -14.14 -28.04
N ILE A 231 27.29 -12.91 -28.45
CA ILE A 231 26.97 -12.58 -29.84
C ILE A 231 26.70 -11.10 -30.03
N ASP A 232 27.49 -10.47 -30.89
CA ASP A 232 27.32 -9.05 -31.16
C ASP A 232 25.87 -8.86 -31.64
N GLY A 233 25.27 -7.71 -31.31
CA GLY A 233 23.93 -7.46 -31.76
C GLY A 233 22.77 -8.05 -30.96
N ASN A 234 22.82 -9.33 -30.61
CA ASN A 234 21.73 -9.93 -29.85
C ASN A 234 21.28 -8.96 -28.76
N GLU A 235 20.02 -8.56 -28.82
CA GLU A 235 19.48 -7.60 -27.86
C GLU A 235 19.34 -8.13 -26.45
N ASN A 236 18.86 -9.36 -26.31
CA ASN A 236 18.67 -9.93 -24.99
C ASN A 236 20.02 -10.10 -24.29
N GLY A 237 21.01 -10.57 -25.05
CA GLY A 237 22.35 -10.76 -24.50
C GLY A 237 22.84 -9.44 -23.93
N ASP A 238 22.64 -8.37 -24.69
CA ASP A 238 23.06 -7.03 -24.27
C ASP A 238 22.29 -6.58 -23.03
N LEU A 239 21.02 -6.98 -22.94
CA LEU A 239 20.20 -6.62 -21.78
C LEU A 239 20.75 -7.34 -20.54
N LEU A 240 21.21 -8.57 -20.73
CA LEU A 240 21.78 -9.35 -19.64
C LEU A 240 23.15 -8.80 -19.30
N TRP A 241 23.89 -8.37 -20.32
CA TRP A 241 25.21 -7.80 -20.10
C TRP A 241 25.03 -6.65 -19.13
N ASP A 242 24.09 -5.76 -19.45
CA ASP A 242 23.81 -4.62 -18.60
C ASP A 242 23.50 -5.03 -17.17
N PHE A 243 22.65 -6.05 -17.01
CA PHE A 243 22.27 -6.52 -15.69
C PHE A 243 23.45 -7.03 -14.87
N LEU A 244 24.25 -7.93 -15.46
CA LEU A 244 25.41 -8.50 -14.78
C LEU A 244 26.44 -7.46 -14.38
N THR A 245 26.50 -6.35 -15.11
CA THR A 245 27.48 -5.31 -14.82
C THR A 245 26.89 -4.09 -14.15
N GLU A 246 25.58 -4.10 -13.91
CA GLU A 246 24.93 -2.94 -13.29
C GLU A 246 25.34 -1.72 -14.10
N THR A 247 25.47 -1.90 -15.41
CA THR A 247 25.89 -0.84 -16.32
C THR A 247 24.88 -0.64 -17.46
N CYS A 248 24.69 0.62 -17.87
CA CYS A 248 23.80 0.92 -18.99
C CYS A 248 24.60 0.66 -20.27
N ASN A 249 24.03 -0.08 -21.21
CA ASN A 249 24.72 -0.37 -22.47
C ASN A 249 26.18 -0.71 -22.22
N PHE A 250 26.42 -1.77 -21.45
CA PHE A 250 27.79 -2.18 -21.14
C PHE A 250 28.69 -2.33 -22.36
N ASN A 251 28.21 -3.11 -23.33
CA ASN A 251 28.97 -3.39 -24.56
C ASN A 251 29.39 -2.17 -25.38
N ALA A 252 28.63 -1.08 -25.28
CA ALA A 252 28.96 0.11 -26.04
C ALA A 252 29.79 1.15 -25.30
N THR A 253 29.85 1.05 -23.97
CA THR A 253 30.58 2.04 -23.18
C THR A 253 31.75 1.54 -22.35
N ALA A 254 31.71 0.27 -21.97
CA ALA A 254 32.80 -0.29 -21.17
C ALA A 254 34.09 -0.43 -21.96
N PRO A 255 35.24 -0.36 -21.28
CA PRO A 255 36.53 -0.50 -21.98
C PRO A 255 36.61 -1.88 -22.61
N PRO A 256 36.99 -1.96 -23.90
CA PRO A 256 37.09 -3.25 -24.59
C PRO A 256 37.92 -4.28 -23.83
N ASP A 257 38.93 -3.82 -23.10
CA ASP A 257 39.79 -4.71 -22.32
C ASP A 257 38.97 -5.35 -21.21
N LEU A 258 38.05 -4.58 -20.65
CA LEU A 258 37.17 -5.07 -19.60
C LEU A 258 36.24 -6.10 -20.24
N ARG A 259 35.46 -5.65 -21.21
CA ARG A 259 34.53 -6.53 -21.91
C ARG A 259 35.21 -7.85 -22.27
N ALA A 260 36.26 -7.76 -23.08
CA ALA A 260 37.00 -8.94 -23.52
C ALA A 260 37.33 -9.89 -22.36
N GLU A 261 37.89 -9.35 -21.29
CA GLU A 261 38.24 -10.17 -20.14
C GLU A 261 36.98 -10.84 -19.58
N LEU A 262 35.90 -10.06 -19.47
CA LEU A 262 34.63 -10.58 -18.96
C LEU A 262 34.16 -11.74 -19.82
N GLY A 263 34.21 -11.53 -21.13
CA GLY A 263 33.77 -12.56 -22.06
C GLY A 263 34.42 -13.89 -21.72
N LYS A 264 35.70 -13.84 -21.37
CA LYS A 264 36.45 -15.04 -21.04
C LYS A 264 36.01 -15.64 -19.71
N ASP A 265 36.08 -14.86 -18.64
CA ASP A 265 35.70 -15.36 -17.32
C ASP A 265 34.31 -15.95 -17.21
N LEU A 266 33.31 -15.27 -17.79
CA LEU A 266 31.94 -15.76 -17.74
C LEU A 266 31.76 -17.20 -18.17
N GLN A 267 32.74 -17.75 -18.89
CA GLN A 267 32.65 -19.13 -19.32
C GLN A 267 33.48 -20.06 -18.46
N GLU A 268 34.25 -19.50 -17.54
CA GLU A 268 35.06 -20.30 -16.64
C GLU A 268 34.12 -21.03 -15.67
N PRO A 269 34.50 -22.24 -15.24
CA PRO A 269 33.70 -23.06 -14.31
C PRO A 269 33.18 -22.29 -13.08
N GLU A 270 34.04 -21.48 -12.48
CA GLU A 270 33.70 -20.71 -11.29
C GLU A 270 32.59 -19.66 -11.50
N PHE A 271 32.38 -19.24 -12.74
CA PHE A 271 31.34 -18.25 -13.03
C PHE A 271 30.09 -18.90 -13.62
N SER A 272 30.29 -19.81 -14.57
CA SER A 272 29.16 -20.49 -15.20
C SER A 272 29.45 -21.96 -15.49
N ALA A 273 28.39 -22.68 -15.85
CA ALA A 273 28.49 -24.08 -16.21
C ALA A 273 28.01 -24.15 -17.66
N LYS A 274 28.65 -24.98 -18.47
CA LYS A 274 28.26 -25.12 -19.86
C LYS A 274 27.64 -26.50 -20.08
N LYS A 275 26.40 -26.51 -20.52
CA LYS A 275 25.70 -27.76 -20.77
C LYS A 275 24.54 -27.52 -21.74
N GLU A 276 24.37 -28.42 -22.69
CA GLU A 276 23.31 -28.28 -23.68
C GLU A 276 23.57 -27.01 -24.50
N GLY A 277 24.82 -26.84 -24.92
CA GLY A 277 25.21 -25.69 -25.70
C GLY A 277 24.80 -24.38 -25.06
N LYS A 278 24.50 -24.43 -23.77
CA LYS A 278 24.11 -23.22 -23.05
C LYS A 278 25.11 -22.84 -21.98
N VAL A 279 25.17 -21.55 -21.69
CA VAL A 279 26.07 -21.01 -20.68
C VAL A 279 25.18 -20.54 -19.53
N LEU A 280 25.26 -21.23 -18.40
CA LEU A 280 24.41 -20.88 -17.27
C LEU A 280 25.17 -20.28 -16.10
N PHE A 281 25.03 -18.97 -15.93
CA PHE A 281 25.67 -18.24 -14.85
C PHE A 281 25.18 -18.77 -13.50
N ASN A 282 26.10 -19.09 -12.61
CA ASN A 282 25.78 -19.62 -11.28
C ASN A 282 25.11 -18.55 -10.41
N ASN A 283 23.79 -18.64 -10.28
CA ASN A 283 22.99 -17.68 -9.49
C ASN A 283 22.57 -18.30 -8.17
N THR A 284 23.42 -19.16 -7.63
CA THR A 284 23.11 -19.80 -6.37
C THR A 284 22.68 -18.79 -5.31
N LEU A 285 21.64 -19.15 -4.56
CA LEU A 285 21.12 -18.28 -3.53
C LEU A 285 21.35 -18.88 -2.16
N SER A 286 21.56 -18.01 -1.18
CA SER A 286 21.76 -18.44 0.19
C SER A 286 20.57 -18.03 1.05
N PHE A 287 20.06 -18.98 1.83
CA PHE A 287 18.94 -18.75 2.71
C PHE A 287 19.50 -18.83 4.12
N ILE A 288 19.45 -17.71 4.85
CA ILE A 288 20.01 -17.64 6.21
C ILE A 288 18.90 -17.45 7.24
N VAL A 289 18.84 -18.37 8.19
CA VAL A 289 17.84 -18.30 9.24
C VAL A 289 18.51 -17.98 10.56
N ILE A 290 18.16 -16.84 11.12
CA ILE A 290 18.72 -16.37 12.36
C ILE A 290 17.73 -16.59 13.50
N GLU A 291 18.23 -17.13 14.61
CA GLU A 291 17.41 -17.40 15.79
C GLU A 291 17.34 -16.22 16.73
N ALA A 292 16.22 -16.06 17.41
CA ALA A 292 16.04 -14.97 18.35
C ALA A 292 17.13 -15.06 19.43
N MET B 5 -13.88 23.34 -21.43
CA MET B 5 -13.57 22.38 -20.33
C MET B 5 -13.34 23.12 -19.01
N ARG B 6 -14.36 23.10 -18.16
CA ARG B 6 -14.30 23.79 -16.87
C ARG B 6 -14.46 22.81 -15.70
N SER B 7 -13.89 23.16 -14.55
CA SER B 7 -13.98 22.32 -13.37
C SER B 7 -15.44 22.11 -13.00
N LEU B 8 -15.82 20.87 -12.76
CA LEU B 8 -17.21 20.54 -12.42
C LEU B 8 -17.68 21.21 -11.14
N PHE B 9 -16.74 21.68 -10.32
CA PHE B 9 -17.08 22.34 -9.07
C PHE B 9 -17.52 23.78 -9.30
N SER B 10 -17.33 24.27 -10.52
CA SER B 10 -17.71 25.63 -10.85
C SER B 10 -19.24 25.76 -11.00
N ASP B 11 -19.94 24.64 -10.88
CA ASP B 11 -21.40 24.64 -11.02
C ASP B 11 -22.04 23.65 -10.05
N HIS B 12 -22.59 24.18 -8.96
CA HIS B 12 -23.24 23.36 -7.95
C HIS B 12 -24.31 22.46 -8.57
N GLY B 13 -25.24 23.08 -9.30
CA GLY B 13 -26.30 22.31 -9.93
C GLY B 13 -25.76 21.15 -10.75
N LYS B 14 -24.67 21.39 -11.46
CA LYS B 14 -24.08 20.35 -12.29
C LYS B 14 -23.51 19.24 -11.40
N TYR B 15 -22.60 19.63 -10.53
CA TYR B 15 -21.97 18.69 -9.61
C TYR B 15 -23.02 17.86 -8.86
N VAL B 16 -23.97 18.56 -8.24
CA VAL B 16 -25.03 17.91 -7.49
C VAL B 16 -25.78 16.86 -8.31
N GLU B 17 -25.92 17.12 -9.61
CA GLU B 17 -26.63 16.19 -10.50
C GLU B 17 -25.78 14.98 -10.89
N SER B 18 -24.50 15.21 -11.18
CA SER B 18 -23.60 14.11 -11.54
C SER B 18 -23.41 13.16 -10.37
N PHE B 19 -23.21 13.75 -9.19
CA PHE B 19 -23.03 12.96 -7.97
C PHE B 19 -24.25 12.07 -7.74
N ARG B 20 -25.43 12.61 -8.01
CA ARG B 20 -26.66 11.86 -7.83
C ARG B 20 -26.57 10.58 -8.64
N ARG B 21 -26.23 10.72 -9.91
CA ARG B 21 -26.09 9.57 -10.79
C ARG B 21 -25.01 8.67 -10.22
N PHE B 22 -23.97 9.28 -9.66
CA PHE B 22 -22.87 8.55 -9.07
C PHE B 22 -23.38 7.53 -8.05
N LEU B 23 -24.18 8.00 -7.10
CA LEU B 23 -24.72 7.10 -6.09
C LEU B 23 -25.69 6.06 -6.66
N ASN B 24 -26.57 6.49 -7.57
CA ASN B 24 -27.54 5.58 -8.19
C ASN B 24 -26.91 4.53 -9.09
N HIS B 25 -25.61 4.64 -9.34
CA HIS B 25 -24.94 3.67 -10.22
C HIS B 25 -23.63 3.16 -9.65
N SER B 26 -23.50 3.21 -8.34
CA SER B 26 -22.30 2.73 -7.67
C SER B 26 -22.72 2.08 -6.35
N THR B 27 -21.91 1.16 -5.86
CA THR B 27 -22.22 0.48 -4.61
C THR B 27 -21.66 1.24 -3.42
N GLU B 28 -21.37 2.52 -3.63
CA GLU B 28 -20.80 3.37 -2.59
C GLU B 28 -21.48 3.17 -1.24
N HIS B 29 -22.72 3.64 -1.12
CA HIS B 29 -23.44 3.51 0.15
C HIS B 29 -23.68 2.07 0.56
N GLN B 30 -23.75 1.17 -0.42
CA GLN B 30 -23.96 -0.24 -0.12
C GLN B 30 -22.69 -0.70 0.59
N CYS B 31 -21.57 -0.35 -0.01
CA CYS B 31 -20.24 -0.68 0.52
C CYS B 31 -20.12 -0.14 1.94
N MET B 32 -20.50 1.12 2.12
CA MET B 32 -20.43 1.74 3.43
C MET B 32 -21.38 1.12 4.44
N GLN B 33 -22.57 0.70 3.99
CA GLN B 33 -23.52 0.06 4.89
C GLN B 33 -22.96 -1.28 5.33
N GLU B 34 -22.38 -2.02 4.38
CA GLU B 34 -21.78 -3.32 4.69
C GLU B 34 -20.75 -3.12 5.79
N PHE B 35 -19.98 -2.03 5.69
CA PHE B 35 -18.97 -1.72 6.69
C PHE B 35 -19.66 -1.42 8.03
N MET B 36 -20.66 -0.56 8.00
CA MET B 36 -21.39 -0.20 9.20
C MET B 36 -22.03 -1.42 9.84
N ASP B 37 -22.46 -2.37 9.02
CA ASP B 37 -23.10 -3.58 9.55
C ASP B 37 -22.16 -4.62 10.14
N LYS B 38 -21.04 -4.85 9.47
CA LYS B 38 -20.10 -5.87 9.91
C LYS B 38 -18.87 -5.39 10.68
N LYS B 39 -18.46 -4.15 10.45
CA LYS B 39 -17.28 -3.66 11.15
C LYS B 39 -17.53 -2.64 12.24
N LEU B 40 -18.34 -1.63 11.97
CA LEU B 40 -18.61 -0.57 12.95
C LEU B 40 -18.95 -1.06 14.36
N PRO B 41 -19.87 -2.03 14.47
CA PRO B 41 -20.24 -2.51 15.80
C PRO B 41 -19.02 -2.74 16.70
N GLY B 42 -18.05 -3.47 16.18
CA GLY B 42 -16.85 -3.77 16.93
C GLY B 42 -15.96 -2.54 17.15
N ILE B 43 -16.07 -1.56 16.25
CA ILE B 43 -15.28 -0.34 16.35
C ILE B 43 -15.78 0.57 17.48
N ILE B 44 -17.06 0.94 17.42
CA ILE B 44 -17.68 1.80 18.41
C ILE B 44 -17.99 1.01 19.68
N GLY B 45 -17.73 -0.28 19.64
CA GLY B 45 -17.98 -1.17 20.75
C GLY B 45 -17.93 -0.63 22.18
N ARG B 46 -16.82 -0.02 22.56
CA ARG B 46 -16.68 0.50 23.92
C ARG B 46 -16.52 2.02 24.05
N ILE B 47 -16.96 2.77 23.05
CA ILE B 47 -16.83 4.23 23.10
C ILE B 47 -17.79 4.90 24.09
N GLY B 48 -18.89 4.24 24.41
CA GLY B 48 -19.84 4.81 25.34
C GLY B 48 -19.71 4.37 26.78
N ASP B 49 -18.74 3.50 27.07
CA ASP B 49 -18.54 3.00 28.42
C ASP B 49 -18.24 4.05 29.48
N THR B 50 -18.93 3.93 30.62
CA THR B 50 -18.84 4.83 31.77
C THR B 50 -19.40 6.22 31.50
N LYS B 51 -20.02 6.40 30.33
CA LYS B 51 -20.58 7.69 29.97
C LYS B 51 -22.10 7.73 29.95
N SER B 52 -22.66 8.86 30.34
CA SER B 52 -24.11 9.04 30.37
C SER B 52 -24.53 9.85 29.15
N GLU B 53 -23.56 10.16 28.29
CA GLU B 53 -23.80 10.90 27.06
C GLU B 53 -22.71 10.54 26.07
N ILE B 54 -23.13 10.14 24.87
CA ILE B 54 -22.18 9.77 23.85
C ILE B 54 -22.13 10.93 22.86
N LYS B 55 -20.94 11.51 22.75
CA LYS B 55 -20.70 12.64 21.87
C LYS B 55 -20.09 12.22 20.53
N ILE B 56 -20.83 12.48 19.45
CA ILE B 56 -20.37 12.14 18.11
C ILE B 56 -20.16 13.41 17.28
N LEU B 57 -18.99 13.53 16.67
CA LEU B 57 -18.68 14.70 15.85
C LEU B 57 -18.59 14.29 14.38
N SER B 58 -19.47 14.86 13.58
CA SER B 58 -19.52 14.57 12.16
C SER B 58 -18.89 15.73 11.39
N ILE B 59 -17.79 15.47 10.71
CA ILE B 59 -17.13 16.51 9.92
C ILE B 59 -17.55 16.27 8.46
N GLY B 60 -18.07 17.31 7.81
CA GLY B 60 -18.50 17.16 6.41
C GLY B 60 -19.65 16.18 6.30
N GLY B 61 -20.55 16.20 7.28
CA GLY B 61 -21.70 15.30 7.33
C GLY B 61 -22.62 15.29 6.13
N GLY B 62 -22.63 16.38 5.36
CA GLY B 62 -23.49 16.42 4.18
C GLY B 62 -24.98 16.34 4.45
N ALA B 63 -25.65 15.42 3.76
CA ALA B 63 -27.10 15.25 3.89
C ALA B 63 -27.55 14.36 5.06
N GLY B 64 -26.60 13.87 5.85
CA GLY B 64 -26.94 13.06 7.00
C GLY B 64 -27.25 11.58 6.84
N GLU B 65 -27.33 11.10 5.61
CA GLU B 65 -27.64 9.69 5.40
C GLU B 65 -26.70 8.73 6.13
N ILE B 66 -25.40 8.84 5.88
CA ILE B 66 -24.43 7.97 6.54
C ILE B 66 -24.41 8.21 8.05
N ASP B 67 -24.58 9.46 8.45
CA ASP B 67 -24.58 9.80 9.87
C ASP B 67 -25.66 9.01 10.63
N LEU B 68 -26.83 8.86 10.01
CA LEU B 68 -27.93 8.13 10.66
C LEU B 68 -27.61 6.65 10.79
N GLN B 69 -26.94 6.08 9.79
CA GLN B 69 -26.58 4.67 9.84
C GLN B 69 -25.64 4.48 11.03
N ILE B 70 -24.67 5.38 11.17
CA ILE B 70 -23.73 5.30 12.29
C ILE B 70 -24.47 5.47 13.63
N LEU B 71 -25.44 6.39 13.66
CA LEU B 71 -26.21 6.63 14.88
C LEU B 71 -27.01 5.40 15.28
N SER B 72 -27.56 4.72 14.28
CA SER B 72 -28.34 3.52 14.50
C SER B 72 -27.52 2.42 15.20
N LYS B 73 -26.24 2.33 14.85
CA LYS B 73 -25.35 1.32 15.43
C LYS B 73 -24.86 1.70 16.80
N VAL B 74 -24.81 3.00 17.09
CA VAL B 74 -24.36 3.46 18.39
C VAL B 74 -25.45 3.20 19.42
N GLN B 75 -26.67 3.57 19.07
CA GLN B 75 -27.83 3.39 19.96
C GLN B 75 -28.01 1.92 20.29
N ALA B 76 -28.02 1.09 19.26
CA ALA B 76 -28.19 -0.35 19.42
C ALA B 76 -27.19 -0.89 20.43
N GLN B 77 -26.01 -0.29 20.46
CA GLN B 77 -24.97 -0.72 21.38
C GLN B 77 -25.16 -0.16 22.79
N TYR B 78 -25.78 1.01 22.87
CA TYR B 78 -26.02 1.67 24.15
C TYR B 78 -27.46 2.14 24.24
N PRO B 79 -28.42 1.21 24.30
CA PRO B 79 -29.83 1.58 24.38
C PRO B 79 -30.10 2.50 25.58
N GLY B 80 -30.82 3.59 25.31
CA GLY B 80 -31.16 4.52 26.37
C GLY B 80 -30.18 5.63 26.64
N VAL B 81 -28.96 5.53 26.11
CA VAL B 81 -27.97 6.57 26.34
C VAL B 81 -28.16 7.74 25.40
N CYS B 82 -28.15 8.94 25.95
CA CYS B 82 -28.30 10.16 25.19
C CYS B 82 -27.13 10.32 24.21
N ILE B 83 -27.45 10.71 22.98
CA ILE B 83 -26.43 10.90 21.97
C ILE B 83 -26.40 12.33 21.51
N ASN B 84 -25.22 12.92 21.51
CA ASN B 84 -25.06 14.30 21.06
C ASN B 84 -24.28 14.27 19.75
N ASN B 85 -24.99 14.46 18.65
CA ASN B 85 -24.41 14.44 17.32
C ASN B 85 -24.26 15.84 16.74
N GLU B 86 -23.06 16.39 16.80
CA GLU B 86 -22.80 17.72 16.24
C GLU B 86 -22.19 17.59 14.85
N VAL B 87 -22.73 18.33 13.89
CA VAL B 87 -22.27 18.27 12.51
C VAL B 87 -21.59 19.54 12.04
N VAL B 88 -20.40 19.39 11.45
CA VAL B 88 -19.63 20.51 10.92
C VAL B 88 -19.74 20.43 9.40
N GLU B 89 -20.66 21.22 8.86
CA GLU B 89 -20.94 21.24 7.43
C GLU B 89 -21.02 22.68 6.94
N PRO B 90 -20.20 23.04 5.94
CA PRO B 90 -20.16 24.40 5.37
C PRO B 90 -21.38 24.77 4.50
N SER B 91 -21.91 23.79 3.78
CA SER B 91 -23.06 24.01 2.90
C SER B 91 -24.40 24.18 3.61
N ALA B 92 -24.98 25.37 3.49
CA ALA B 92 -26.28 25.68 4.09
C ALA B 92 -27.33 24.73 3.54
N GLU B 93 -27.19 24.39 2.26
CA GLU B 93 -28.13 23.49 1.59
C GLU B 93 -28.02 22.07 2.12
N GLN B 94 -26.80 21.62 2.40
CA GLN B 94 -26.59 20.28 2.94
C GLN B 94 -27.27 20.21 4.31
N ILE B 95 -27.04 21.25 5.13
CA ILE B 95 -27.63 21.30 6.45
C ILE B 95 -29.16 21.20 6.40
N ALA B 96 -29.79 22.01 5.56
CA ALA B 96 -31.25 21.98 5.44
C ALA B 96 -31.74 20.58 5.09
N LYS B 97 -31.08 19.93 4.13
CA LYS B 97 -31.45 18.58 3.72
C LYS B 97 -31.20 17.52 4.81
N TYR B 98 -30.30 17.82 5.73
CA TYR B 98 -29.95 16.90 6.82
C TYR B 98 -31.08 16.95 7.84
N LYS B 99 -31.44 18.16 8.27
CA LYS B 99 -32.53 18.32 9.22
C LYS B 99 -33.80 17.69 8.65
N GLU B 100 -33.98 17.83 7.35
CA GLU B 100 -35.15 17.29 6.67
C GLU B 100 -35.20 15.76 6.79
N LEU B 101 -34.02 15.13 6.82
CA LEU B 101 -33.96 13.67 6.94
C LEU B 101 -34.24 13.27 8.39
N VAL B 102 -33.77 14.08 9.33
CA VAL B 102 -33.98 13.83 10.75
C VAL B 102 -35.48 13.74 11.05
N ALA B 103 -36.23 14.72 10.58
CA ALA B 103 -37.67 14.77 10.79
C ALA B 103 -38.44 13.65 10.10
N LYS B 104 -37.84 13.03 9.09
CA LYS B 104 -38.49 11.95 8.35
C LYS B 104 -38.16 10.57 8.91
N THR B 105 -37.16 10.50 9.77
CA THR B 105 -36.76 9.22 10.35
C THR B 105 -37.27 9.08 11.79
N SER B 106 -37.62 7.85 12.16
CA SER B 106 -38.13 7.59 13.50
C SER B 106 -37.07 6.88 14.32
N ASN B 107 -37.19 6.96 15.65
CA ASN B 107 -36.25 6.32 16.54
C ASN B 107 -35.04 7.20 16.85
N LEU B 108 -35.10 8.46 16.44
CA LEU B 108 -34.02 9.39 16.69
C LEU B 108 -34.35 10.34 17.83
N GLU B 109 -35.28 9.93 18.68
CA GLU B 109 -35.69 10.75 19.81
C GLU B 109 -34.59 10.88 20.88
N ASN B 110 -33.76 9.85 20.99
CA ASN B 110 -32.67 9.82 21.96
C ASN B 110 -31.45 10.60 21.49
N VAL B 111 -31.53 11.16 20.28
CA VAL B 111 -30.42 11.91 19.72
C VAL B 111 -30.69 13.40 19.64
N LYS B 112 -29.72 14.19 20.07
CA LYS B 112 -29.81 15.64 20.01
C LYS B 112 -28.86 16.07 18.87
N PHE B 113 -29.37 16.84 17.92
CA PHE B 113 -28.54 17.28 16.81
C PHE B 113 -28.19 18.77 16.92
N ALA B 114 -27.10 19.16 16.28
CA ALA B 114 -26.66 20.54 16.28
C ALA B 114 -25.83 20.72 15.02
N TRP B 115 -26.06 21.80 14.29
CA TRP B 115 -25.33 22.03 13.05
C TRP B 115 -24.48 23.30 13.08
N HIS B 116 -23.25 23.18 12.60
CA HIS B 116 -22.32 24.30 12.55
C HIS B 116 -21.98 24.56 11.09
N LYS B 117 -22.51 25.64 10.52
CA LYS B 117 -22.21 25.93 9.13
C LYS B 117 -20.86 26.60 9.01
N GLU B 118 -19.82 25.78 8.87
CA GLU B 118 -18.46 26.27 8.74
C GLU B 118 -17.62 25.07 8.32
N THR B 119 -16.37 25.29 7.95
CA THR B 119 -15.53 24.18 7.55
C THR B 119 -14.80 23.62 8.77
N SER B 120 -14.15 22.48 8.61
CA SER B 120 -13.44 21.88 9.74
C SER B 120 -12.34 22.81 10.22
N SER B 121 -11.73 23.51 9.28
CA SER B 121 -10.65 24.44 9.59
C SER B 121 -11.21 25.60 10.42
N GLU B 122 -12.38 26.09 10.02
CA GLU B 122 -13.02 27.19 10.71
C GLU B 122 -13.49 26.73 12.09
N TYR B 123 -14.01 25.51 12.15
CA TYR B 123 -14.47 24.95 13.40
C TYR B 123 -13.25 24.83 14.31
N GLN B 124 -12.13 24.37 13.74
CA GLN B 124 -10.90 24.21 14.50
C GLN B 124 -10.44 25.53 15.08
N SER B 125 -10.34 26.54 14.22
CA SER B 125 -9.90 27.87 14.62
C SER B 125 -10.76 28.39 15.77
N ARG B 126 -12.06 28.20 15.65
CA ARG B 126 -13.00 28.65 16.67
C ARG B 126 -12.81 27.95 18.02
N MET B 127 -12.57 26.63 17.98
CA MET B 127 -12.39 25.85 19.20
C MET B 127 -11.11 26.21 19.96
N LEU B 128 -10.08 26.60 19.23
CA LEU B 128 -8.80 26.95 19.83
C LEU B 128 -8.80 28.24 20.66
N GLU B 129 -9.86 29.03 20.57
CA GLU B 129 -9.90 30.29 21.34
C GLU B 129 -10.57 30.12 22.70
N LYS B 130 -11.56 29.23 22.75
CA LYS B 130 -12.37 28.99 23.94
C LYS B 130 -11.81 28.21 25.14
N LYS B 131 -12.65 28.13 26.17
CA LYS B 131 -12.36 27.45 27.42
C LYS B 131 -11.37 26.30 27.38
N GLU B 132 -11.86 25.10 27.12
CA GLU B 132 -10.99 23.95 27.05
C GLU B 132 -11.23 23.34 25.68
N LEU B 133 -10.76 22.13 25.48
CA LEU B 133 -11.03 21.48 24.21
C LEU B 133 -12.02 20.39 24.51
N GLN B 134 -13.21 20.46 23.90
CA GLN B 134 -14.20 19.44 24.16
C GLN B 134 -13.62 18.07 23.81
N LYS B 135 -14.16 17.03 24.45
CA LYS B 135 -13.73 15.68 24.16
C LYS B 135 -14.92 14.97 23.53
N TRP B 136 -14.67 14.22 22.47
CA TRP B 136 -15.73 13.50 21.79
C TRP B 136 -15.44 12.02 21.84
N ASP B 137 -16.49 11.22 21.70
CA ASP B 137 -16.34 9.77 21.77
C ASP B 137 -16.17 9.09 20.43
N PHE B 138 -16.62 9.76 19.38
CA PHE B 138 -16.49 9.24 18.03
C PHE B 138 -16.48 10.42 17.08
N ILE B 139 -15.48 10.44 16.20
CA ILE B 139 -15.34 11.51 15.22
C ILE B 139 -15.13 10.83 13.87
N HIS B 140 -15.88 11.24 12.86
CA HIS B 140 -15.72 10.66 11.53
C HIS B 140 -15.63 11.71 10.44
N MET B 141 -14.82 11.43 9.43
CA MET B 141 -14.61 12.35 8.31
C MET B 141 -14.76 11.49 7.08
N ILE B 142 -15.99 11.36 6.63
CA ILE B 142 -16.31 10.50 5.52
C ILE B 142 -16.36 11.16 4.14
N GLN B 143 -15.46 10.73 3.26
CA GLN B 143 -15.40 11.23 1.89
C GLN B 143 -15.34 12.74 1.81
N MET B 144 -14.58 13.37 2.70
CA MET B 144 -14.51 14.81 2.69
C MET B 144 -13.10 15.41 2.84
N LEU B 145 -12.10 14.57 3.10
CA LEU B 145 -10.74 15.10 3.25
C LEU B 145 -10.22 15.73 1.96
N TYR B 146 -10.83 15.40 0.82
CA TYR B 146 -10.40 15.97 -0.45
C TYR B 146 -10.60 17.48 -0.43
N TYR B 147 -11.44 17.95 0.50
CA TYR B 147 -11.75 19.38 0.56
C TYR B 147 -11.12 20.14 1.69
N VAL B 148 -10.14 19.53 2.34
CA VAL B 148 -9.46 20.17 3.45
C VAL B 148 -8.09 20.61 2.97
N LYS B 149 -7.71 21.84 3.33
CA LYS B 149 -6.43 22.40 2.90
C LYS B 149 -5.23 21.73 3.57
N ASP B 150 -5.22 21.75 4.90
CA ASP B 150 -4.11 21.18 5.66
C ASP B 150 -4.50 19.86 6.34
N ILE B 151 -4.29 18.75 5.63
CA ILE B 151 -4.64 17.43 6.15
C ILE B 151 -3.91 16.99 7.42
N PRO B 152 -2.58 17.14 7.49
CA PRO B 152 -1.90 16.70 8.71
C PRO B 152 -2.38 17.49 9.94
N ALA B 153 -2.64 18.78 9.75
CA ALA B 153 -3.14 19.63 10.84
C ALA B 153 -4.53 19.18 11.30
N THR B 154 -5.41 18.89 10.34
CA THR B 154 -6.77 18.45 10.64
C THR B 154 -6.76 17.11 11.40
N LEU B 155 -5.92 16.18 10.94
CA LEU B 155 -5.79 14.88 11.58
C LEU B 155 -5.32 15.01 13.03
N LYS B 156 -4.22 15.75 13.19
CA LYS B 156 -3.64 15.99 14.50
C LYS B 156 -4.66 16.62 15.43
N PHE B 157 -5.30 17.68 14.95
CA PHE B 157 -6.31 18.41 15.74
C PHE B 157 -7.48 17.57 16.24
N PHE B 158 -8.17 16.92 15.32
CA PHE B 158 -9.30 16.11 15.73
C PHE B 158 -8.88 14.92 16.55
N HIS B 159 -7.66 14.44 16.36
CA HIS B 159 -7.21 13.34 17.19
C HIS B 159 -7.13 13.82 18.64
N SER B 160 -6.73 15.07 18.84
CA SER B 160 -6.61 15.62 20.20
C SER B 160 -7.96 15.84 20.87
N LEU B 161 -9.04 15.82 20.10
CA LEU B 161 -10.39 16.00 20.65
C LEU B 161 -10.97 14.66 21.11
N LEU B 162 -10.26 13.58 20.84
CA LEU B 162 -10.72 12.24 21.20
C LEU B 162 -10.65 11.94 22.69
N GLY B 163 -11.78 11.54 23.27
CA GLY B 163 -11.82 11.23 24.69
C GLY B 163 -11.26 9.84 24.98
N THR B 164 -11.61 9.30 26.15
CA THR B 164 -11.14 7.98 26.58
C THR B 164 -11.80 6.85 25.80
N ASN B 165 -10.96 6.00 25.21
CA ASN B 165 -11.46 4.87 24.42
C ASN B 165 -12.27 5.32 23.21
N ALA B 166 -12.09 6.58 22.81
CA ALA B 166 -12.83 7.12 21.67
C ALA B 166 -12.13 6.74 20.37
N LYS B 167 -12.83 6.89 19.26
CA LYS B 167 -12.25 6.56 17.98
C LYS B 167 -12.61 7.56 16.90
N MET B 168 -11.76 7.58 15.87
CA MET B 168 -11.94 8.46 14.72
C MET B 168 -11.97 7.59 13.48
N LEU B 169 -12.98 7.82 12.63
CA LEU B 169 -13.14 7.08 11.39
C LEU B 169 -12.99 8.00 10.18
N ILE B 170 -12.11 7.59 9.27
CA ILE B 170 -11.90 8.36 8.07
C ILE B 170 -12.11 7.47 6.87
N ILE B 171 -12.80 7.99 5.86
CA ILE B 171 -13.03 7.22 4.64
C ILE B 171 -12.64 8.05 3.43
N VAL B 172 -11.83 7.46 2.56
CA VAL B 172 -11.39 8.09 1.31
C VAL B 172 -11.21 6.95 0.34
N VAL B 173 -11.06 7.25 -0.95
CA VAL B 173 -10.89 6.20 -1.93
C VAL B 173 -9.58 5.47 -1.68
N SER B 174 -9.52 4.20 -2.01
CA SER B 174 -8.30 3.43 -1.78
C SER B 174 -7.21 3.74 -2.79
N GLY B 175 -5.97 3.53 -2.35
CA GLY B 175 -4.83 3.75 -3.24
C GLY B 175 -4.86 2.73 -4.36
N SER B 176 -5.63 1.67 -4.18
CA SER B 176 -5.73 0.62 -5.19
C SER B 176 -6.99 0.79 -6.02
N SER B 177 -7.72 1.89 -5.82
CA SER B 177 -8.94 2.13 -6.56
C SER B 177 -8.60 2.66 -7.95
N GLY B 178 -9.58 2.66 -8.84
CA GLY B 178 -9.37 3.17 -10.18
C GLY B 178 -9.10 4.67 -10.14
N TRP B 179 -9.63 5.33 -9.11
CA TRP B 179 -9.43 6.78 -8.94
C TRP B 179 -7.97 7.11 -8.82
N ASP B 180 -7.24 6.29 -8.08
CA ASP B 180 -5.81 6.50 -7.88
C ASP B 180 -5.06 6.44 -9.20
N LYS B 181 -5.39 5.45 -10.02
CA LYS B 181 -4.75 5.29 -11.31
C LYS B 181 -5.18 6.42 -12.23
N LEU B 182 -6.46 6.78 -12.17
CA LEU B 182 -7.00 7.86 -13.00
C LEU B 182 -6.35 9.18 -12.68
N TRP B 183 -6.25 9.52 -11.40
CA TRP B 183 -5.66 10.79 -10.98
C TRP B 183 -4.20 10.91 -11.31
N LYS B 184 -3.49 9.79 -11.29
CA LYS B 184 -2.06 9.79 -11.60
C LYS B 184 -1.81 9.98 -13.09
N LYS B 185 -2.57 9.26 -13.91
CA LYS B 185 -2.39 9.35 -15.36
C LYS B 185 -3.08 10.50 -16.08
N TYR B 186 -4.23 10.95 -15.56
CA TYR B 186 -4.97 12.02 -16.20
C TYR B 186 -5.17 13.28 -15.38
N GLY B 187 -4.77 13.25 -14.12
CA GLY B 187 -4.93 14.40 -13.26
C GLY B 187 -4.51 15.71 -13.89
N SER B 188 -3.27 15.78 -14.34
CA SER B 188 -2.73 16.99 -14.95
C SER B 188 -3.55 17.53 -16.13
N ARG B 189 -4.25 16.65 -16.84
CA ARG B 189 -5.04 17.10 -17.98
C ARG B 189 -6.47 17.47 -17.62
N PHE B 190 -6.81 17.35 -16.34
CA PHE B 190 -8.14 17.69 -15.85
C PHE B 190 -8.16 19.12 -15.31
N PRO B 191 -9.32 19.78 -15.37
CA PRO B 191 -9.39 21.15 -14.86
C PRO B 191 -9.31 21.09 -13.33
N GLN B 192 -8.35 21.80 -12.74
CA GLN B 192 -8.20 21.78 -11.29
C GLN B 192 -8.82 22.97 -10.57
N ASP B 193 -9.37 22.70 -9.38
CA ASP B 193 -9.98 23.73 -8.54
C ASP B 193 -9.29 23.64 -7.19
N ASP B 194 -8.85 24.80 -6.67
CA ASP B 194 -8.17 24.81 -5.38
C ASP B 194 -9.11 24.48 -4.23
N LEU B 195 -10.29 23.97 -4.55
CA LEU B 195 -11.27 23.60 -3.54
C LEU B 195 -11.12 22.12 -3.21
N CYS B 196 -10.49 21.37 -4.12
CA CYS B 196 -10.29 19.94 -3.96
C CYS B 196 -8.89 19.51 -4.34
N GLN B 197 -8.34 18.58 -3.57
CA GLN B 197 -7.01 18.04 -3.85
C GLN B 197 -7.14 16.52 -3.82
N TYR B 198 -6.47 15.84 -4.75
CA TYR B 198 -6.53 14.39 -4.81
C TYR B 198 -5.94 13.81 -3.53
N ILE B 199 -6.54 12.74 -3.02
CA ILE B 199 -6.09 12.11 -1.81
C ILE B 199 -6.54 10.66 -1.86
N THR B 200 -5.65 9.76 -1.45
CA THR B 200 -5.96 8.34 -1.42
C THR B 200 -5.51 7.81 -0.05
N SER B 201 -5.91 6.59 0.28
CA SER B 201 -5.51 6.03 1.57
C SER B 201 -3.97 5.97 1.65
N ASP B 202 -3.31 5.86 0.49
CA ASP B 202 -1.84 5.83 0.42
C ASP B 202 -1.27 7.08 1.10
N ASP B 203 -1.78 8.25 0.71
CA ASP B 203 -1.35 9.52 1.26
C ASP B 203 -1.63 9.60 2.75
N LEU B 204 -2.83 9.15 3.12
CA LEU B 204 -3.22 9.21 4.52
C LEU B 204 -2.39 8.37 5.47
N THR B 205 -2.12 7.12 5.12
CA THR B 205 -1.35 6.25 6.01
C THR B 205 0.08 6.74 6.16
N GLN B 206 0.58 7.39 5.11
CA GLN B 206 1.92 7.96 5.16
C GLN B 206 1.89 9.08 6.19
N MET B 207 0.89 9.96 6.08
CA MET B 207 0.75 11.07 7.01
C MET B 207 0.55 10.59 8.44
N LEU B 208 -0.29 9.57 8.63
CA LEU B 208 -0.55 9.04 9.97
C LEU B 208 0.72 8.43 10.55
N ASP B 209 1.48 7.72 9.72
CA ASP B 209 2.73 7.11 10.17
C ASP B 209 3.63 8.23 10.70
N ASN B 210 3.83 9.28 9.89
CA ASN B 210 4.68 10.38 10.31
C ASN B 210 4.16 11.15 11.50
N LEU B 211 2.85 11.13 11.71
CA LEU B 211 2.26 11.81 12.87
C LEU B 211 2.41 10.93 14.09
N GLY B 212 2.65 9.63 13.86
CA GLY B 212 2.81 8.69 14.95
C GLY B 212 1.52 8.23 15.60
N LEU B 213 0.42 8.34 14.89
CA LEU B 213 -0.87 7.93 15.43
C LEU B 213 -1.13 6.45 15.20
N LYS B 214 -1.84 5.81 16.12
CA LYS B 214 -2.15 4.40 15.97
C LYS B 214 -3.44 4.25 15.15
N TYR B 215 -3.41 3.40 14.15
CA TYR B 215 -4.58 3.24 13.29
C TYR B 215 -4.52 1.90 12.55
N GLU B 216 -5.64 1.54 11.91
CA GLU B 216 -5.77 0.34 11.09
C GLU B 216 -6.53 0.77 9.84
N CYS B 217 -6.19 0.19 8.70
CA CYS B 217 -6.85 0.55 7.45
C CYS B 217 -7.46 -0.69 6.80
N TYR B 218 -8.76 -0.65 6.52
CA TYR B 218 -9.42 -1.77 5.86
C TYR B 218 -9.98 -1.25 4.56
N ASP B 219 -9.93 -2.08 3.53
CA ASP B 219 -10.45 -1.73 2.20
C ASP B 219 -11.68 -2.59 1.89
N LEU B 220 -12.60 -2.02 1.14
CA LEU B 220 -13.79 -2.73 0.73
C LEU B 220 -14.07 -2.37 -0.71
N LEU B 221 -14.12 -3.38 -1.55
CA LEU B 221 -14.36 -3.18 -2.97
C LEU B 221 -15.73 -2.56 -3.17
N SER B 222 -15.77 -1.56 -4.05
CA SER B 222 -17.00 -0.90 -4.39
C SER B 222 -16.84 -0.61 -5.87
N THR B 223 -17.95 -0.52 -6.59
CA THR B 223 -17.86 -0.27 -8.02
C THR B 223 -18.74 0.87 -8.46
N MET B 224 -18.41 1.38 -9.64
CA MET B 224 -19.16 2.47 -10.25
C MET B 224 -19.48 2.00 -11.66
N ASP B 225 -20.76 1.69 -11.92
CA ASP B 225 -21.19 1.23 -13.23
C ASP B 225 -21.15 2.40 -14.21
N ILE B 226 -20.11 2.43 -15.05
CA ILE B 226 -19.95 3.49 -16.03
C ILE B 226 -20.31 3.00 -17.43
N SER B 227 -21.03 1.88 -17.50
CA SER B 227 -21.46 1.30 -18.78
C SER B 227 -22.04 2.39 -19.69
N ASP B 228 -23.06 3.09 -19.21
CA ASP B 228 -23.71 4.14 -20.00
C ASP B 228 -22.74 5.09 -20.71
N CYS B 229 -21.57 5.29 -20.13
CA CYS B 229 -20.57 6.19 -20.71
C CYS B 229 -20.08 5.75 -22.10
N PHE B 230 -20.46 4.55 -22.51
CA PHE B 230 -20.03 4.05 -23.81
C PHE B 230 -21.15 3.99 -24.86
N ILE B 231 -22.25 4.70 -24.59
CA ILE B 231 -23.37 4.76 -25.50
C ILE B 231 -23.51 6.21 -25.97
N ASP B 232 -23.53 6.40 -27.29
CA ASP B 232 -23.65 7.73 -27.88
C ASP B 232 -24.88 8.53 -27.45
N GLY B 233 -24.64 9.70 -26.86
CA GLY B 233 -25.71 10.57 -26.42
C GLY B 233 -26.44 10.13 -25.16
N ASN B 234 -26.03 8.99 -24.59
CA ASN B 234 -26.66 8.46 -23.39
C ASN B 234 -26.57 9.47 -22.25
N GLU B 235 -27.71 9.88 -21.72
CA GLU B 235 -27.78 10.86 -20.65
C GLU B 235 -26.94 10.53 -19.42
N ASN B 236 -27.35 9.52 -18.68
CA ASN B 236 -26.64 9.12 -17.48
C ASN B 236 -25.16 8.93 -17.80
N GLY B 237 -24.86 8.60 -19.06
CA GLY B 237 -23.49 8.40 -19.48
C GLY B 237 -22.67 9.65 -19.28
N ASP B 238 -23.08 10.75 -19.91
CA ASP B 238 -22.37 12.02 -19.80
C ASP B 238 -22.31 12.48 -18.35
N LEU B 239 -23.38 12.24 -17.61
CA LEU B 239 -23.43 12.63 -16.21
C LEU B 239 -22.29 11.98 -15.43
N LEU B 240 -22.05 10.70 -15.70
CA LEU B 240 -20.98 9.98 -15.01
C LEU B 240 -19.62 10.38 -15.57
N TRP B 241 -19.60 10.77 -16.86
CA TRP B 241 -18.36 11.19 -17.48
C TRP B 241 -17.85 12.41 -16.73
N ASP B 242 -18.73 13.39 -16.55
CA ASP B 242 -18.40 14.62 -15.85
C ASP B 242 -17.87 14.34 -14.46
N PHE B 243 -18.50 13.39 -13.76
CA PHE B 243 -18.07 13.05 -12.42
C PHE B 243 -16.66 12.47 -12.40
N LEU B 244 -16.40 11.46 -13.23
CA LEU B 244 -15.08 10.82 -13.32
C LEU B 244 -13.96 11.82 -13.64
N THR B 245 -14.29 12.85 -14.40
CA THR B 245 -13.30 13.85 -14.82
C THR B 245 -13.38 15.14 -14.01
N GLU B 246 -14.46 15.28 -13.24
CA GLU B 246 -14.66 16.48 -12.43
C GLU B 246 -14.64 17.70 -13.35
N THR B 247 -15.42 17.63 -14.43
CA THR B 247 -15.51 18.73 -15.38
C THR B 247 -16.82 18.75 -16.16
N CYS B 248 -17.38 19.95 -16.30
CA CYS B 248 -18.65 20.18 -17.00
C CYS B 248 -18.64 19.84 -18.49
N ASN B 249 -19.54 18.94 -18.90
CA ASN B 249 -19.68 18.53 -20.29
C ASN B 249 -18.39 17.98 -20.91
N PHE B 250 -17.79 17.00 -20.23
CA PHE B 250 -16.56 16.40 -20.71
C PHE B 250 -16.67 15.84 -22.12
N ASN B 251 -17.78 15.15 -22.39
CA ASN B 251 -18.01 14.54 -23.69
C ASN B 251 -18.05 15.60 -24.80
N ALA B 252 -18.32 16.84 -24.43
CA ALA B 252 -18.42 17.94 -25.38
C ALA B 252 -17.25 18.92 -25.46
N THR B 253 -16.69 19.30 -24.32
CA THR B 253 -15.61 20.28 -24.33
C THR B 253 -14.20 19.72 -24.28
N ALA B 254 -14.06 18.42 -24.01
CA ALA B 254 -12.75 17.80 -23.92
C ALA B 254 -12.14 17.43 -25.27
N PRO B 255 -10.81 17.58 -25.39
CA PRO B 255 -10.09 17.26 -26.63
C PRO B 255 -10.38 15.81 -27.05
N PRO B 256 -10.68 15.59 -28.33
CA PRO B 256 -10.98 14.26 -28.89
C PRO B 256 -9.94 13.20 -28.56
N ASP B 257 -8.67 13.58 -28.49
CA ASP B 257 -7.62 12.62 -28.19
C ASP B 257 -7.62 12.26 -26.70
N LEU B 258 -8.02 13.20 -25.84
CA LEU B 258 -8.11 12.92 -24.41
C LEU B 258 -9.30 11.99 -24.23
N ARG B 259 -10.43 12.37 -24.84
CA ARG B 259 -11.66 11.59 -24.76
C ARG B 259 -11.45 10.16 -25.25
N ALA B 260 -10.81 10.01 -26.40
CA ALA B 260 -10.55 8.70 -26.98
C ALA B 260 -9.63 7.87 -26.07
N GLU B 261 -8.50 8.47 -25.71
CA GLU B 261 -7.50 7.83 -24.85
C GLU B 261 -8.11 7.34 -23.54
N LEU B 262 -8.74 8.27 -22.81
CA LEU B 262 -9.37 7.94 -21.54
C LEU B 262 -10.48 6.91 -21.78
N GLY B 263 -11.19 7.06 -22.89
CA GLY B 263 -12.26 6.14 -23.21
C GLY B 263 -11.78 4.70 -23.28
N LYS B 264 -10.53 4.52 -23.71
CA LYS B 264 -9.94 3.20 -23.84
C LYS B 264 -9.49 2.67 -22.48
N ASP B 265 -8.84 3.52 -21.69
CA ASP B 265 -8.35 3.14 -20.37
C ASP B 265 -9.48 2.66 -19.46
N LEU B 266 -10.58 3.41 -19.42
CA LEU B 266 -11.70 3.03 -18.58
C LEU B 266 -12.11 1.59 -18.86
N GLN B 267 -11.64 1.04 -19.99
CA GLN B 267 -11.98 -0.32 -20.37
C GLN B 267 -10.93 -1.30 -19.86
N GLU B 268 -9.72 -0.79 -19.67
CA GLU B 268 -8.63 -1.62 -19.17
C GLU B 268 -8.82 -2.05 -17.72
N PRO B 269 -8.31 -3.25 -17.37
CA PRO B 269 -8.40 -3.85 -16.03
C PRO B 269 -7.83 -2.97 -14.92
N GLU B 270 -6.90 -2.10 -15.26
CA GLU B 270 -6.28 -1.21 -14.27
C GLU B 270 -7.30 -0.24 -13.69
N PHE B 271 -8.31 0.11 -14.49
CA PHE B 271 -9.34 1.05 -14.05
C PHE B 271 -10.66 0.37 -13.74
N SER B 272 -11.10 -0.54 -14.61
CA SER B 272 -12.38 -1.21 -14.43
C SER B 272 -12.42 -2.70 -14.74
N ALA B 273 -13.53 -3.32 -14.36
CA ALA B 273 -13.79 -4.72 -14.62
C ALA B 273 -15.05 -4.84 -15.46
N LYS B 274 -15.23 -5.97 -16.12
CA LYS B 274 -16.42 -6.20 -16.94
C LYS B 274 -17.27 -7.33 -16.36
N LYS B 275 -18.55 -7.05 -16.15
CA LYS B 275 -19.46 -8.06 -15.59
C LYS B 275 -20.69 -8.18 -16.49
N GLU B 276 -20.67 -9.16 -17.37
CA GLU B 276 -21.78 -9.38 -18.29
C GLU B 276 -21.86 -8.21 -19.26
N GLY B 277 -20.71 -7.70 -19.65
CA GLY B 277 -20.68 -6.58 -20.59
C GLY B 277 -20.81 -5.24 -19.90
N LYS B 278 -21.13 -5.26 -18.61
CA LYS B 278 -21.27 -4.04 -17.82
C LYS B 278 -19.88 -3.56 -17.42
N VAL B 279 -19.68 -2.25 -17.50
CA VAL B 279 -18.39 -1.66 -17.14
C VAL B 279 -18.40 -1.16 -15.69
N LEU B 280 -17.65 -1.84 -14.82
CA LEU B 280 -17.57 -1.48 -13.41
C LEU B 280 -16.22 -0.85 -13.05
N PHE B 281 -16.24 0.45 -12.75
CA PHE B 281 -15.03 1.21 -12.39
C PHE B 281 -14.66 0.91 -10.94
N ASN B 282 -13.38 0.63 -10.69
CA ASN B 282 -12.91 0.31 -9.35
C ASN B 282 -13.08 1.49 -8.39
N ASN B 283 -14.07 1.38 -7.51
CA ASN B 283 -14.36 2.44 -6.55
C ASN B 283 -14.03 2.00 -5.12
N THR B 284 -13.07 1.10 -5.00
CA THR B 284 -12.65 0.59 -3.70
C THR B 284 -12.41 1.70 -2.67
N LEU B 285 -13.01 1.51 -1.49
CA LEU B 285 -12.89 2.49 -0.43
C LEU B 285 -12.01 1.97 0.69
N SER B 286 -11.39 2.89 1.41
CA SER B 286 -10.51 2.55 2.53
C SER B 286 -11.12 3.16 3.77
N PHE B 287 -11.22 2.35 4.82
CA PHE B 287 -11.79 2.79 6.08
C PHE B 287 -10.63 2.75 7.07
N ILE B 288 -10.31 3.92 7.62
CA ILE B 288 -9.21 4.07 8.56
C ILE B 288 -9.72 4.41 9.95
N VAL B 289 -9.37 3.57 10.92
CA VAL B 289 -9.78 3.77 12.30
C VAL B 289 -8.56 4.17 13.13
N ILE B 290 -8.63 5.37 13.70
CA ILE B 290 -7.56 5.92 14.50
C ILE B 290 -7.96 5.89 15.98
N GLU B 291 -7.08 5.34 16.80
CA GLU B 291 -7.34 5.22 18.24
C GLU B 291 -6.89 6.49 18.97
N ALA B 292 -7.49 6.74 20.13
CA ALA B 292 -7.14 7.91 20.92
C ALA B 292 -5.73 7.69 21.48
#